data_9S1W
#
_entry.id   9S1W
#
_cell.length_a   106.020
_cell.length_b   110.380
_cell.length_c   36.180
_cell.angle_alpha   90.00
_cell.angle_beta   90.00
_cell.angle_gamma   90.00
#
_symmetry.space_group_name_H-M   'P 21 21 2'
#
loop_
_entity.id
_entity.type
_entity.pdbx_description
1 polymer 'Indoleamine 2,3-dioxygenase 1'
2 non-polymer '2-[4-[[(1~{R},2~{R},6~{S},8~{R})-2-[3-[(4-ethynylphenyl)amino]-3-oxidanylidene-propyl]-9,9-dimethyl-4-azatricyclo[6.1.1.0^{2,6}]decan-4-yl]sulfonyl]phenyl]-2-methyl-propanoic acid'
3 non-polymer DI(HYDROXYETHYL)ETHER
4 water water
#
_entity_poly.entity_id   1
_entity_poly.type   'polypeptide(L)'
_entity_poly.pdbx_seq_one_letter_code
;GPLGSGIQMENSWTISKEYHIDEEVGFALPNPQENLPDFYNDWMFIAKHLPDLIESGQLRERVEKLNMLSIDHLTDHKSQ
RLARLVLGCITMAYVWGKGHGDVRKVLPRNIAVPYCQLSKKLELPPILVYADCVLANWKKKDPNKPLTYENMDVLFSFRD
GDCSKGFFLVSLLVEIAAASAIKVIPTVFKAMQMQERDTLLKALLEIASCLEKALQVFHQIHDHVNPKAFFSVLRIYLSG
WKGNPQLSDGLVYEGFWEDPKEFAGGSAGQSSVFQCFDVLLGIQQTAGGGHAAQFLQDMRRYMPPAHRNFLCSLESNPSV
REFVLSKGDAGLREAYDACVKALVSLRSYHLQIVTKYILIPASQQPKENKTSEDPSKLEAKGTGGTDLMNFLKTVRSTTE
KSLL
;
_entity_poly.pdbx_strand_id   A
#
# COMPACT_ATOMS: atom_id res chain seq x y z
N SER A 5 -5.32 18.04 -18.62
CA SER A 5 -4.29 17.79 -19.68
C SER A 5 -3.51 16.47 -19.51
N GLY A 6 -3.80 15.74 -18.44
CA GLY A 6 -3.12 14.48 -18.21
C GLY A 6 -1.88 14.64 -17.33
N ILE A 7 -0.97 13.67 -17.43
CA ILE A 7 0.18 13.64 -16.53
C ILE A 7 0.97 14.93 -16.67
N GLN A 8 1.26 15.57 -15.54
CA GLN A 8 2.19 16.68 -15.51
C GLN A 8 3.64 16.14 -15.50
N MET A 9 4.52 16.82 -16.23
CA MET A 9 5.89 16.42 -16.44
C MET A 9 6.86 17.39 -15.79
N GLU A 10 7.90 16.83 -15.16
CA GLU A 10 8.99 17.66 -14.65
C GLU A 10 9.87 18.16 -15.79
N ASN A 11 10.13 17.32 -16.79
CA ASN A 11 10.89 17.73 -17.99
C ASN A 11 10.44 16.80 -19.12
N SER A 12 11.22 16.75 -20.19
CA SER A 12 10.82 15.96 -21.34
C SER A 12 10.85 14.46 -21.07
N TRP A 13 11.37 14.01 -19.94
CA TRP A 13 11.59 12.60 -19.70
C TRP A 13 10.79 12.07 -18.49
N THR A 14 10.53 12.89 -17.48
CA THR A 14 10.14 12.46 -16.15
C THR A 14 8.88 13.15 -15.68
N ILE A 15 7.96 12.37 -15.09
CA ILE A 15 6.74 12.98 -14.58
C ILE A 15 7.04 13.96 -13.43
N SER A 16 6.06 14.84 -13.19
CA SER A 16 6.21 15.85 -12.16
C SER A 16 6.48 15.21 -10.79
N LYS A 17 7.39 15.84 -10.04
CA LYS A 17 7.67 15.47 -8.66
C LYS A 17 6.48 15.68 -7.72
N GLU A 18 5.46 16.42 -8.14
CA GLU A 18 4.26 16.60 -7.33
C GLU A 18 3.48 15.30 -7.14
N TYR A 19 3.75 14.28 -7.96
CA TYR A 19 3.07 13.01 -7.80
C TYR A 19 3.77 12.09 -6.80
N HIS A 20 4.96 12.41 -6.35
CA HIS A 20 5.66 11.63 -5.32
C HIS A 20 5.77 10.18 -5.74
N ILE A 21 6.18 9.99 -6.96
CA ILE A 21 6.44 8.68 -7.51
C ILE A 21 7.91 8.66 -7.82
N ASP A 22 8.63 7.74 -7.25
CA ASP A 22 10.09 7.74 -7.38
C ASP A 22 10.49 6.84 -8.54
N GLU A 23 11.57 7.23 -9.24
CA GLU A 23 12.03 6.43 -10.37
C GLU A 23 12.48 5.02 -9.95
N GLU A 24 13.05 4.89 -8.78
CA GLU A 24 13.58 3.61 -8.38
C GLU A 24 12.58 2.78 -7.58
N VAL A 25 11.83 3.39 -6.64
CA VAL A 25 10.93 2.62 -5.80
C VAL A 25 9.48 2.89 -6.10
N GLY A 26 9.16 3.78 -7.04
CA GLY A 26 7.79 3.95 -7.51
C GLY A 26 6.92 4.60 -6.44
N PHE A 27 5.79 3.93 -6.13
CA PHE A 27 4.90 4.45 -5.09
C PHE A 27 5.46 4.31 -3.67
N ALA A 28 6.49 3.50 -3.46
CA ALA A 28 7.09 3.40 -2.14
C ALA A 28 7.80 4.70 -1.81
N LEU A 29 7.98 4.96 -0.52
CA LEU A 29 8.75 6.14 -0.09
C LEU A 29 10.22 5.88 -0.27
N PRO A 30 10.96 6.76 -0.96
CA PRO A 30 12.41 6.55 -1.12
C PRO A 30 13.15 6.85 0.18
N ASN A 31 14.18 6.03 0.45
CA ASN A 31 15.02 6.12 1.65
C ASN A 31 14.25 6.64 2.85
N PRO A 32 13.33 5.86 3.38
CA PRO A 32 12.54 6.33 4.53
C PRO A 32 13.41 6.66 5.72
N GLN A 33 12.98 7.65 6.47
CA GLN A 33 13.62 7.99 7.73
C GLN A 33 13.36 6.88 8.75
N GLU A 34 14.42 6.49 9.48
CA GLU A 34 14.37 5.46 10.50
CA GLU A 34 14.35 5.46 10.50
C GLU A 34 14.26 6.03 11.91
N ASN A 35 14.78 7.23 12.15
CA ASN A 35 14.74 7.85 13.47
C ASN A 35 14.00 9.17 13.37
N LEU A 36 13.21 9.47 14.39
CA LEU A 36 12.58 10.75 14.59
C LEU A 36 13.52 11.66 15.37
N PRO A 37 13.27 12.96 15.38
CA PRO A 37 14.04 13.86 16.24
C PRO A 37 14.03 13.33 17.66
N ASP A 38 15.08 13.62 18.41
CA ASP A 38 15.15 13.17 19.80
C ASP A 38 13.90 13.50 20.59
N PHE A 39 13.25 14.62 20.25
CA PHE A 39 12.09 15.10 20.98
C PHE A 39 11.02 14.03 21.12
N TYR A 40 10.89 13.14 20.12
CA TYR A 40 9.87 12.12 20.13
C TYR A 40 10.38 10.75 20.59
N ASN A 41 11.36 10.71 21.50
CA ASN A 41 11.98 9.43 21.84
C ASN A 41 10.95 8.48 22.48
N ASP A 42 10.06 8.98 23.32
CA ASP A 42 9.10 8.10 24.00
C ASP A 42 8.19 7.39 23.00
N TRP A 43 7.81 8.09 21.91
CA TRP A 43 7.05 7.44 20.84
C TRP A 43 7.85 6.31 20.22
N MET A 44 9.12 6.58 19.92
CA MET A 44 9.96 5.59 19.24
C MET A 44 10.19 4.36 20.11
N PHE A 45 10.44 4.56 21.38
CA PHE A 45 10.57 3.41 22.26
C PHE A 45 9.35 2.48 22.20
N ILE A 46 8.15 3.02 22.38
CA ILE A 46 6.97 2.15 22.38
C ILE A 46 6.89 1.36 21.07
N ALA A 47 6.95 2.08 19.94
CA ALA A 47 6.86 1.45 18.63
C ALA A 47 7.94 0.40 18.42
N LYS A 48 9.17 0.66 18.89
CA LYS A 48 10.21 -0.33 18.69
C LYS A 48 9.99 -1.57 19.57
N HIS A 49 9.28 -1.41 20.68
CA HIS A 49 9.10 -2.49 21.65
C HIS A 49 7.68 -3.04 21.66
N LEU A 50 6.93 -2.80 20.59
CA LEU A 50 5.56 -3.28 20.53
C LEU A 50 5.43 -4.78 20.80
N PRO A 51 6.26 -5.66 20.25
CA PRO A 51 6.10 -7.09 20.52
C PRO A 51 6.18 -7.45 22.00
N ASP A 52 7.26 -7.08 22.68
CA ASP A 52 7.35 -7.41 24.10
C ASP A 52 6.33 -6.64 24.96
N LEU A 53 5.85 -5.49 24.50
CA LEU A 53 4.92 -4.70 25.31
C LEU A 53 3.51 -5.30 25.26
N ILE A 54 3.07 -5.68 24.07
CA ILE A 54 1.79 -6.37 23.94
C ILE A 54 1.85 -7.71 24.68
N GLU A 55 2.90 -8.50 24.39
CA GLU A 55 3.06 -9.81 25.02
C GLU A 55 3.02 -9.70 26.53
N SER A 56 3.70 -8.69 27.09
CA SER A 56 3.74 -8.55 28.56
C SER A 56 2.52 -7.85 29.15
N GLY A 57 1.56 -7.41 28.34
CA GLY A 57 0.43 -6.64 28.89
C GLY A 57 0.78 -5.24 29.37
N GLN A 58 1.81 -4.63 28.81
CA GLN A 58 2.29 -3.33 29.26
C GLN A 58 1.98 -2.21 28.31
N LEU A 59 1.61 -2.52 27.05
CA LEU A 59 1.52 -1.52 26.01
C LEU A 59 0.56 -0.41 26.42
N ARG A 60 -0.65 -0.78 26.86
CA ARG A 60 -1.70 0.22 27.08
C ARG A 60 -1.31 1.18 28.18
N GLU A 61 -0.73 0.66 29.27
CA GLU A 61 -0.36 1.57 30.36
C GLU A 61 0.82 2.44 29.98
N ARG A 62 1.72 1.95 29.14
CA ARG A 62 2.82 2.81 28.66
C ARG A 62 2.29 3.95 27.79
N VAL A 63 1.35 3.64 26.89
CA VAL A 63 0.74 4.68 26.09
C VAL A 63 0.03 5.68 26.98
N GLU A 64 -0.67 5.18 27.98
CA GLU A 64 -1.47 6.02 28.88
C GLU A 64 -0.63 6.98 29.68
N LYS A 65 0.65 6.73 29.82
CA LYS A 65 1.54 7.59 30.57
C LYS A 65 2.39 8.50 29.69
N LEU A 66 2.25 8.42 28.37
CA LEU A 66 2.96 9.35 27.49
C LEU A 66 2.52 10.79 27.73
N ASN A 67 3.46 11.72 27.57
CA ASN A 67 3.08 13.13 27.51
C ASN A 67 2.57 13.51 26.12
N MET A 68 1.89 14.64 26.05
CA MET A 68 1.47 15.19 24.77
C MET A 68 2.70 15.78 24.06
N LEU A 69 3.00 15.30 22.86
CA LEU A 69 4.12 15.80 22.09
C LEU A 69 3.57 16.56 20.87
N SER A 70 3.98 17.80 20.69
CA SER A 70 3.54 18.55 19.53
C SER A 70 4.15 17.98 18.26
N ILE A 71 3.44 18.14 17.14
CA ILE A 71 3.97 17.70 15.85
C ILE A 71 4.77 18.78 15.15
N ASP A 72 4.97 19.93 15.79
CA ASP A 72 5.61 21.03 15.09
C ASP A 72 7.07 20.74 14.77
N HIS A 73 7.69 19.79 15.45
CA HIS A 73 9.08 19.44 15.17
C HIS A 73 9.22 18.41 14.06
N LEU A 74 8.14 18.06 13.38
CA LEU A 74 8.16 17.10 12.28
C LEU A 74 8.12 17.93 11.02
N THR A 75 9.28 18.38 10.57
CA THR A 75 9.37 19.50 9.65
C THR A 75 9.35 19.12 8.17
N ASP A 76 9.56 17.85 7.82
CA ASP A 76 9.65 17.45 6.42
C ASP A 76 8.77 16.22 6.15
N HIS A 77 8.60 15.89 4.87
CA HIS A 77 7.67 14.84 4.51
C HIS A 77 8.09 13.51 5.11
N LYS A 78 9.39 13.21 5.05
CA LYS A 78 9.85 11.91 5.52
C LYS A 78 9.63 11.74 7.03
N SER A 79 9.84 12.80 7.81
CA SER A 79 9.65 12.66 9.25
C SER A 79 8.17 12.52 9.60
N GLN A 80 7.31 13.26 8.88
CA GLN A 80 5.87 13.15 9.11
C GLN A 80 5.39 11.76 8.76
N ARG A 81 5.93 11.17 7.70
CA ARG A 81 5.53 9.83 7.33
C ARG A 81 6.08 8.81 8.33
N LEU A 82 7.31 8.99 8.79
CA LEU A 82 7.76 8.11 9.86
C LEU A 82 6.85 8.25 11.11
N ALA A 83 6.53 9.50 11.49
CA ALA A 83 5.72 9.71 12.70
C ALA A 83 4.34 9.07 12.53
N ARG A 84 3.74 9.17 11.33
CA ARG A 84 2.47 8.52 11.06
C ARG A 84 2.53 7.01 11.24
N LEU A 85 3.62 6.40 10.78
CA LEU A 85 3.83 4.96 10.93
C LEU A 85 3.98 4.57 12.38
N VAL A 86 4.77 5.34 13.12
CA VAL A 86 4.96 5.08 14.56
C VAL A 86 3.64 5.17 15.32
N LEU A 87 2.95 6.31 15.17
CA LEU A 87 1.66 6.49 15.85
C LEU A 87 0.60 5.51 15.36
N GLY A 88 0.63 5.17 14.07
CA GLY A 88 -0.32 4.19 13.54
C GLY A 88 -0.16 2.82 14.16
N CYS A 89 1.07 2.34 14.27
CA CYS A 89 1.31 1.03 14.88
C CYS A 89 0.92 1.06 16.34
N ILE A 90 1.25 2.15 17.04
CA ILE A 90 0.86 2.26 18.43
C ILE A 90 -0.66 2.22 18.57
N THR A 91 -1.35 2.93 17.70
CA THR A 91 -2.82 2.95 17.73
C THR A 91 -3.39 1.54 17.55
N MET A 92 -2.88 0.80 16.56
CA MET A 92 -3.43 -0.55 16.33
C MET A 92 -3.17 -1.42 17.55
N ALA A 93 -1.96 -1.32 18.09
CA ALA A 93 -1.62 -2.09 19.28
C ALA A 93 -2.52 -1.69 20.46
N TYR A 94 -2.79 -0.40 20.60
CA TYR A 94 -3.57 0.05 21.76
C TYR A 94 -5.01 -0.43 21.67
N VAL A 95 -5.59 -0.34 20.48
CA VAL A 95 -6.98 -0.73 20.26
C VAL A 95 -7.17 -2.23 20.41
N TRP A 96 -6.32 -3.03 19.73
CA TRP A 96 -6.59 -4.48 19.69
C TRP A 96 -5.94 -5.25 20.83
N GLY A 97 -4.95 -4.68 21.47
CA GLY A 97 -4.27 -5.40 22.53
C GLY A 97 -3.69 -6.69 21.97
N LYS A 98 -3.92 -7.78 22.71
CA LYS A 98 -3.44 -9.11 22.38
C LYS A 98 -4.34 -9.78 21.35
N GLY A 99 -5.43 -9.13 20.98
CA GLY A 99 -6.26 -9.65 19.92
C GLY A 99 -7.28 -10.68 20.35
N HIS A 100 -7.56 -10.75 21.64
CA HIS A 100 -8.41 -11.82 22.14
C HIS A 100 -9.82 -11.35 22.43
N GLY A 101 -10.15 -10.10 22.07
CA GLY A 101 -11.48 -9.56 22.29
C GLY A 101 -11.55 -8.49 23.35
N ASP A 102 -10.46 -8.18 24.04
CA ASP A 102 -10.41 -7.09 25.02
C ASP A 102 -9.91 -5.80 24.33
N VAL A 103 -10.85 -5.09 23.69
CA VAL A 103 -10.52 -3.93 22.84
C VAL A 103 -10.70 -2.63 23.60
N ARG A 104 -10.04 -1.58 23.12
N ARG A 104 -10.01 -1.58 23.13
CA ARG A 104 -10.20 -0.24 23.67
CA ARG A 104 -10.17 -0.23 23.66
C ARG A 104 -10.95 0.63 22.67
C ARG A 104 -10.97 0.61 22.66
N LYS A 105 -12.01 1.28 23.15
CA LYS A 105 -12.86 2.11 22.33
C LYS A 105 -12.46 3.57 22.37
N VAL A 106 -11.46 3.93 23.18
CA VAL A 106 -11.04 5.31 23.28
C VAL A 106 -9.54 5.35 23.16
N LEU A 107 -9.06 6.07 22.15
CA LEU A 107 -7.65 6.30 21.96
C LEU A 107 -7.26 7.49 22.81
N PRO A 108 -6.32 7.35 23.76
CA PRO A 108 -5.99 8.48 24.66
C PRO A 108 -5.53 9.69 23.87
N ARG A 109 -5.89 10.87 24.39
CA ARG A 109 -5.64 12.13 23.68
C ARG A 109 -4.17 12.36 23.33
N ASN A 110 -3.23 11.91 24.19
CA ASN A 110 -1.83 12.20 23.96
C ASN A 110 -1.27 11.49 22.73
N ILE A 111 -1.94 10.43 22.29
CA ILE A 111 -1.70 9.86 20.97
C ILE A 111 -2.70 10.36 19.94
N ALA A 112 -3.98 10.42 20.30
CA ALA A 112 -5.01 10.74 19.30
C ALA A 112 -4.81 12.14 18.68
N VAL A 113 -4.46 13.13 19.49
CA VAL A 113 -4.38 14.50 18.99
C VAL A 113 -3.25 14.66 17.98
N PRO A 114 -1.99 14.30 18.31
CA PRO A 114 -0.94 14.45 17.28
C PRO A 114 -1.12 13.53 16.11
N TYR A 115 -1.66 12.33 16.33
CA TYR A 115 -1.95 11.45 15.21
C TYR A 115 -2.98 12.07 14.28
N CYS A 116 -4.07 12.58 14.84
CA CYS A 116 -5.11 13.16 13.99
C CYS A 116 -4.63 14.44 13.30
N GLN A 117 -3.80 15.24 13.99
CA GLN A 117 -3.26 16.45 13.37
C GLN A 117 -2.33 16.12 12.21
N LEU A 118 -1.43 15.15 12.44
CA LEU A 118 -0.50 14.70 11.42
C LEU A 118 -1.26 14.13 10.24
N SER A 119 -2.33 13.39 10.51
CA SER A 119 -3.05 12.75 9.40
C SER A 119 -3.75 13.79 8.54
N LYS A 120 -4.34 14.79 9.19
CA LYS A 120 -4.94 15.92 8.50
C LYS A 120 -3.93 16.63 7.60
N LYS A 121 -2.70 16.84 8.11
CA LYS A 121 -1.69 17.52 7.29
C LYS A 121 -1.37 16.69 6.05
N LEU A 122 -1.34 15.36 6.18
CA LEU A 122 -0.99 14.51 5.06
C LEU A 122 -2.21 14.08 4.26
N GLU A 123 -3.42 14.46 4.70
CA GLU A 123 -4.68 14.01 4.08
C GLU A 123 -4.76 12.48 4.02
N LEU A 124 -4.44 11.82 5.13
CA LEU A 124 -4.61 10.39 5.27
C LEU A 124 -5.52 10.13 6.46
N PRO A 125 -6.33 9.10 6.44
CA PRO A 125 -7.19 8.85 7.56
C PRO A 125 -6.38 8.50 8.79
N PRO A 126 -6.94 8.68 9.99
CA PRO A 126 -6.21 8.40 11.24
C PRO A 126 -6.24 6.92 11.64
N ILE A 127 -5.80 6.06 10.72
CA ILE A 127 -5.66 4.62 10.92
C ILE A 127 -4.48 4.12 10.07
N LEU A 128 -3.91 2.96 10.45
CA LEU A 128 -2.78 2.44 9.68
C LEU A 128 -3.24 2.12 8.27
N VAL A 129 -2.46 2.54 7.27
CA VAL A 129 -2.73 2.22 5.86
C VAL A 129 -1.47 1.67 5.22
N TYR A 130 -1.63 1.20 3.96
CA TYR A 130 -0.54 0.58 3.18
C TYR A 130 0.66 1.50 3.10
N ALA A 131 0.40 2.80 2.93
CA ALA A 131 1.47 3.78 2.78
C ALA A 131 2.35 3.81 4.01
N ASP A 132 1.81 3.44 5.19
CA ASP A 132 2.60 3.42 6.40
C ASP A 132 3.37 2.10 6.56
N CYS A 133 2.63 0.96 6.68
CA CYS A 133 3.25 -0.27 7.12
C CYS A 133 3.98 -1.00 6.01
N VAL A 134 3.80 -0.63 4.74
CA VAL A 134 4.65 -1.14 3.65
C VAL A 134 5.53 -0.03 3.06
N LEU A 135 4.90 1.05 2.55
CA LEU A 135 5.62 1.97 1.67
C LEU A 135 6.66 2.77 2.43
N ALA A 136 6.45 3.04 3.71
CA ALA A 136 7.39 3.79 4.52
C ALA A 136 8.10 2.96 5.58
N ASN A 137 7.79 1.68 5.68
CA ASN A 137 8.21 0.80 6.80
C ASN A 137 9.39 -0.10 6.38
N TRP A 138 10.50 0.52 5.91
CA TRP A 138 11.66 -0.28 5.48
C TRP A 138 12.98 0.47 5.59
N LYS A 139 14.08 -0.30 5.51
CA LYS A 139 15.43 0.23 5.49
C LYS A 139 16.31 -0.79 4.75
N LYS A 140 17.41 -0.29 4.21
CA LYS A 140 18.50 -1.16 3.78
C LYS A 140 19.38 -1.50 4.96
N LYS A 141 19.79 -2.75 5.06
CA LYS A 141 20.82 -3.10 6.03
C LYS A 141 22.16 -2.47 5.63
N ASP A 142 22.59 -2.72 4.38
CA ASP A 142 23.81 -2.14 3.85
C ASP A 142 23.46 -1.09 2.81
N PRO A 143 23.79 0.19 3.05
CA PRO A 143 23.44 1.23 2.06
C PRO A 143 24.08 1.02 0.70
N ASN A 144 25.21 0.33 0.61
CA ASN A 144 25.86 0.10 -0.66
C ASN A 144 25.34 -1.13 -1.41
N LYS A 145 24.46 -1.93 -0.82
CA LYS A 145 23.96 -3.10 -1.50
C LYS A 145 22.57 -2.84 -2.07
N PRO A 146 22.14 -3.66 -3.01
CA PRO A 146 20.86 -3.40 -3.70
C PRO A 146 19.61 -3.64 -2.88
N LEU A 147 18.46 -3.32 -3.44
CA LEU A 147 17.17 -3.52 -2.79
C LEU A 147 16.76 -4.96 -3.02
N THR A 148 17.15 -5.83 -2.07
CA THR A 148 16.80 -7.25 -2.03
C THR A 148 16.28 -7.61 -0.64
N TYR A 149 15.46 -8.67 -0.59
CA TYR A 149 14.98 -9.16 0.72
C TYR A 149 16.14 -9.27 1.72
N GLU A 150 17.24 -9.90 1.30
CA GLU A 150 18.34 -10.19 2.21
C GLU A 150 19.00 -8.93 2.74
N ASN A 151 18.88 -7.81 2.01
CA ASN A 151 19.52 -6.57 2.38
C ASN A 151 18.53 -5.52 2.90
N MET A 152 17.37 -5.95 3.37
CA MET A 152 16.37 -5.00 3.86
C MET A 152 15.72 -5.52 5.14
N ASP A 153 15.12 -4.59 5.86
CA ASP A 153 14.30 -4.93 7.01
C ASP A 153 13.15 -3.96 7.11
N VAL A 154 12.14 -4.34 7.92
CA VAL A 154 11.06 -3.43 8.24
C VAL A 154 11.51 -2.64 9.46
N LEU A 155 10.84 -1.51 9.67
CA LEU A 155 11.17 -0.71 10.84
C LEU A 155 10.37 -1.15 12.06
N PHE A 156 9.14 -1.60 11.85
CA PHE A 156 8.28 -1.96 12.98
C PHE A 156 7.46 -3.20 12.69
N SER A 157 7.30 -4.02 13.75
CA SER A 157 6.41 -5.18 13.76
CA SER A 157 6.43 -5.20 13.76
C SER A 157 5.46 -5.12 14.95
N PHE A 158 4.44 -5.97 14.92
CA PHE A 158 3.44 -6.00 16.02
C PHE A 158 3.73 -7.10 17.04
N ARG A 159 3.88 -8.34 16.62
CA ARG A 159 4.15 -9.42 17.54
C ARG A 159 5.28 -10.26 16.97
N ASP A 160 6.12 -10.84 17.84
CA ASP A 160 7.16 -11.76 17.39
C ASP A 160 6.48 -12.99 16.79
N GLY A 161 6.86 -13.30 15.54
CA GLY A 161 6.24 -14.39 14.85
C GLY A 161 5.04 -13.99 14.03
N ASP A 162 4.75 -12.70 13.91
CA ASP A 162 3.57 -12.28 13.14
C ASP A 162 3.87 -12.26 11.63
N CYS A 163 5.12 -12.54 11.25
CA CYS A 163 5.56 -12.58 9.86
C CYS A 163 5.40 -11.22 9.17
N SER A 164 5.43 -10.13 9.96
CA SER A 164 5.23 -8.80 9.35
C SER A 164 6.40 -8.42 8.43
N LYS A 165 7.60 -8.87 8.73
CA LYS A 165 8.71 -8.63 7.82
C LYS A 165 8.44 -9.27 6.46
N GLY A 166 8.11 -10.58 6.47
CA GLY A 166 7.84 -11.24 5.20
C GLY A 166 6.68 -10.65 4.43
N PHE A 167 5.60 -10.30 5.12
CA PHE A 167 4.38 -9.86 4.46
C PHE A 167 4.55 -8.46 3.88
N PHE A 168 5.19 -7.59 4.67
CA PHE A 168 5.37 -6.20 4.28
C PHE A 168 6.49 -6.01 3.26
N LEU A 169 7.67 -6.62 3.51
CA LEU A 169 8.78 -6.43 2.58
C LEU A 169 8.54 -7.07 1.22
N VAL A 170 7.98 -8.29 1.19
CA VAL A 170 7.68 -8.86 -0.13
C VAL A 170 6.75 -7.93 -0.88
N SER A 171 5.77 -7.35 -0.17
CA SER A 171 4.86 -6.42 -0.82
C SER A 171 5.62 -5.22 -1.34
N LEU A 172 6.54 -4.69 -0.53
CA LEU A 172 7.36 -3.58 -0.94
C LEU A 172 8.17 -3.93 -2.16
N LEU A 173 8.71 -5.16 -2.22
CA LEU A 173 9.58 -5.51 -3.33
C LEU A 173 8.80 -5.62 -4.62
N VAL A 174 7.53 -6.04 -4.54
CA VAL A 174 6.67 -5.98 -5.71
C VAL A 174 6.48 -4.52 -6.14
N GLU A 175 6.12 -3.63 -5.21
CA GLU A 175 6.07 -2.20 -5.53
C GLU A 175 7.36 -1.71 -6.22
N ILE A 176 8.53 -2.19 -5.77
CA ILE A 176 9.78 -1.72 -6.36
C ILE A 176 9.94 -2.27 -7.77
N ALA A 177 9.57 -3.53 -7.98
CA ALA A 177 9.58 -4.09 -9.32
C ALA A 177 8.66 -3.31 -10.26
N ALA A 178 7.45 -2.99 -9.77
CA ALA A 178 6.53 -2.22 -10.61
C ALA A 178 7.08 -0.84 -10.97
N ALA A 179 7.97 -0.30 -10.13
CA ALA A 179 8.50 1.04 -10.40
C ALA A 179 9.21 1.07 -11.75
N SER A 180 9.85 -0.05 -12.13
CA SER A 180 10.47 -0.12 -13.44
CA SER A 180 10.47 -0.11 -13.45
C SER A 180 9.42 -0.07 -14.56
N ALA A 181 8.19 -0.44 -14.31
CA ALA A 181 7.17 -0.30 -15.33
C ALA A 181 6.56 1.10 -15.31
N ILE A 182 6.35 1.65 -14.11
CA ILE A 182 5.74 2.96 -13.96
C ILE A 182 6.56 4.03 -14.66
N LYS A 183 7.90 3.96 -14.54
CA LYS A 183 8.72 4.99 -15.17
C LYS A 183 8.68 4.96 -16.67
N VAL A 184 8.15 3.89 -17.28
CA VAL A 184 8.01 3.86 -18.75
C VAL A 184 6.75 4.58 -19.22
N ILE A 185 5.85 4.95 -18.31
CA ILE A 185 4.55 5.42 -18.76
C ILE A 185 4.67 6.65 -19.65
N PRO A 186 5.58 7.59 -19.39
CA PRO A 186 5.64 8.78 -20.23
C PRO A 186 6.09 8.46 -21.62
N THR A 187 6.98 7.49 -21.78
CA THR A 187 7.40 7.06 -23.11
C THR A 187 6.23 6.51 -23.91
N VAL A 188 5.32 5.80 -23.25
CA VAL A 188 4.14 5.27 -23.93
C VAL A 188 3.35 6.42 -24.55
N PHE A 189 3.13 7.48 -23.78
CA PHE A 189 2.30 8.55 -24.31
C PHE A 189 3.05 9.40 -25.32
N LYS A 190 4.36 9.58 -25.11
CA LYS A 190 5.15 10.27 -26.13
C LYS A 190 5.13 9.50 -27.42
N ALA A 191 5.35 8.18 -27.36
CA ALA A 191 5.34 7.39 -28.59
C ALA A 191 4.04 7.57 -29.37
N MET A 192 2.90 7.66 -28.64
CA MET A 192 1.61 7.81 -29.31
C MET A 192 1.51 9.17 -29.99
N GLN A 193 1.93 10.27 -29.34
CA GLN A 193 1.89 11.58 -30.00
C GLN A 193 2.81 11.64 -31.21
N MET A 194 3.99 10.99 -31.12
CA MET A 194 4.97 11.06 -32.20
C MET A 194 4.69 10.04 -33.30
N GLN A 195 3.70 9.15 -33.10
CA GLN A 195 3.44 8.00 -33.98
C GLN A 195 4.72 7.22 -34.23
N GLU A 196 5.39 6.87 -33.12
CA GLU A 196 6.60 6.07 -33.15
C GLU A 196 6.21 4.63 -32.82
N ARG A 197 6.02 3.83 -33.86
CA ARG A 197 5.57 2.46 -33.69
C ARG A 197 6.51 1.68 -32.79
N ASP A 198 7.81 1.67 -33.14
CA ASP A 198 8.77 0.88 -32.39
C ASP A 198 8.95 1.38 -30.97
N THR A 199 8.95 2.70 -30.78
CA THR A 199 9.13 3.19 -29.42
C THR A 199 7.99 2.73 -28.55
N LEU A 200 6.77 2.73 -29.10
CA LEU A 200 5.60 2.30 -28.33
C LEU A 200 5.68 0.81 -28.04
N LEU A 201 5.99 0.02 -29.06
CA LEU A 201 6.09 -1.42 -28.90
C LEU A 201 7.07 -1.80 -27.80
N LYS A 202 8.26 -1.25 -27.84
CA LYS A 202 9.28 -1.57 -26.86
C LYS A 202 8.89 -1.07 -25.48
N ALA A 203 8.22 0.11 -25.39
CA ALA A 203 7.71 0.55 -24.10
C ALA A 203 6.74 -0.47 -23.53
N LEU A 204 5.82 -0.97 -24.37
CA LEU A 204 4.82 -1.89 -23.87
C LEU A 204 5.44 -3.21 -23.46
N LEU A 205 6.45 -3.65 -24.21
CA LEU A 205 7.13 -4.89 -23.86
C LEU A 205 7.93 -4.76 -22.58
N GLU A 206 8.54 -3.60 -22.33
CA GLU A 206 9.26 -3.39 -21.09
C GLU A 206 8.30 -3.34 -19.90
N ILE A 207 7.19 -2.63 -20.03
CA ILE A 207 6.15 -2.68 -18.99
C ILE A 207 5.73 -4.13 -18.71
N ALA A 208 5.41 -4.87 -19.77
CA ALA A 208 5.00 -6.27 -19.59
C ALA A 208 6.07 -7.08 -18.85
N SER A 209 7.34 -6.84 -19.19
CA SER A 209 8.42 -7.63 -18.60
C SER A 209 8.64 -7.28 -17.13
N CYS A 210 8.49 -6.00 -16.79
CA CYS A 210 8.62 -5.61 -15.40
C CYS A 210 7.44 -6.11 -14.56
N LEU A 211 6.22 -6.13 -15.11
CA LEU A 211 5.10 -6.71 -14.37
C LEU A 211 5.26 -8.22 -14.22
N GLU A 212 5.80 -8.88 -15.24
CA GLU A 212 6.11 -10.31 -15.08
C GLU A 212 7.13 -10.51 -13.96
N LYS A 213 8.18 -9.68 -13.92
CA LYS A 213 9.14 -9.81 -12.82
C LYS A 213 8.47 -9.53 -11.46
N ALA A 214 7.58 -8.55 -11.41
CA ALA A 214 6.89 -8.28 -10.16
C ALA A 214 6.10 -9.49 -9.69
N LEU A 215 5.53 -10.23 -10.61
CA LEU A 215 4.83 -11.43 -10.20
C LEU A 215 5.82 -12.44 -9.61
N GLN A 216 7.02 -12.57 -10.20
CA GLN A 216 7.99 -13.49 -9.61
CA GLN A 216 8.00 -13.47 -9.62
C GLN A 216 8.44 -12.99 -8.23
N VAL A 217 8.45 -11.68 -8.00
CA VAL A 217 8.80 -11.24 -6.64
C VAL A 217 7.70 -11.61 -5.67
N PHE A 218 6.43 -11.48 -6.08
CA PHE A 218 5.28 -11.88 -5.26
C PHE A 218 5.36 -13.34 -4.80
N HIS A 219 5.94 -14.23 -5.60
CA HIS A 219 5.98 -15.64 -5.25
C HIS A 219 6.77 -15.90 -3.98
N GLN A 220 7.66 -14.97 -3.59
CA GLN A 220 8.49 -15.15 -2.41
C GLN A 220 7.66 -15.10 -1.11
N ILE A 221 6.41 -14.63 -1.19
CA ILE A 221 5.61 -14.48 0.03
C ILE A 221 5.53 -15.79 0.78
N HIS A 222 5.32 -16.90 0.08
CA HIS A 222 5.18 -18.18 0.76
C HIS A 222 6.41 -18.56 1.59
N ASP A 223 7.59 -18.02 1.28
CA ASP A 223 8.81 -18.40 1.99
C ASP A 223 9.06 -17.57 3.25
N HIS A 224 8.27 -16.55 3.50
CA HIS A 224 8.51 -15.64 4.61
C HIS A 224 7.25 -15.39 5.42
N VAL A 225 6.12 -15.98 5.04
CA VAL A 225 4.87 -15.81 5.78
C VAL A 225 4.24 -17.18 6.00
N ASN A 226 3.83 -17.45 7.21
CA ASN A 226 3.11 -18.66 7.64
C ASN A 226 1.63 -18.33 7.65
N PRO A 227 0.78 -19.12 6.98
CA PRO A 227 -0.67 -18.78 6.95
C PRO A 227 -1.34 -18.63 8.30
N LYS A 228 -1.11 -19.57 9.19
CA LYS A 228 -1.67 -19.50 10.54
C LYS A 228 -1.24 -18.22 11.25
N ALA A 229 0.06 -17.91 11.20
CA ALA A 229 0.53 -16.70 11.87
C ALA A 229 -0.10 -15.46 11.27
N PHE A 230 -0.21 -15.44 9.94
CA PHE A 230 -0.79 -14.26 9.30
C PHE A 230 -2.24 -14.08 9.73
N PHE A 231 -3.04 -15.15 9.63
CA PHE A 231 -4.48 -15.01 9.80
C PHE A 231 -4.81 -14.78 11.26
N SER A 232 -4.10 -15.43 12.16
CA SER A 232 -4.44 -15.40 13.58
CA SER A 232 -4.44 -15.40 13.58
C SER A 232 -3.71 -14.31 14.35
N VAL A 233 -2.67 -13.71 13.78
CA VAL A 233 -1.92 -12.72 14.53
C VAL A 233 -1.77 -11.39 13.81
N LEU A 234 -1.16 -11.37 12.60
CA LEU A 234 -0.89 -10.09 11.92
C LEU A 234 -2.20 -9.40 11.54
N ARG A 235 -3.12 -10.17 10.97
CA ARG A 235 -4.40 -9.63 10.54
C ARG A 235 -5.13 -8.88 11.65
N ILE A 236 -4.93 -9.31 12.92
CA ILE A 236 -5.57 -8.57 14.00
C ILE A 236 -5.23 -7.09 13.89
N TYR A 237 -3.93 -6.77 13.81
CA TYR A 237 -3.44 -5.39 13.81
C TYR A 237 -3.66 -4.66 12.48
N LEU A 238 -4.16 -5.34 11.46
CA LEU A 238 -4.55 -4.67 10.23
C LEU A 238 -6.04 -4.39 10.20
N SER A 239 -6.76 -4.77 11.27
CA SER A 239 -8.20 -4.66 11.35
C SER A 239 -8.61 -3.27 11.79
N GLY A 240 -9.74 -2.83 11.27
CA GLY A 240 -10.19 -1.47 11.50
C GLY A 240 -11.49 -1.34 12.26
N TRP A 241 -12.11 -0.17 12.15
CA TRP A 241 -13.33 0.08 12.87
C TRP A 241 -14.35 0.74 11.96
N LYS A 242 -14.69 0.04 10.89
CA LYS A 242 -15.74 0.45 9.97
C LYS A 242 -16.53 -0.79 9.60
N GLY A 243 -17.79 -0.85 10.01
CA GLY A 243 -18.52 -2.10 9.95
C GLY A 243 -17.96 -3.20 10.81
N ASN A 244 -17.31 -2.85 11.94
CA ASN A 244 -16.74 -3.87 12.77
C ASN A 244 -17.57 -4.07 14.02
N PRO A 245 -18.15 -5.25 14.22
CA PRO A 245 -19.04 -5.45 15.39
C PRO A 245 -18.39 -5.24 16.76
N GLN A 246 -17.05 -5.30 16.85
CA GLN A 246 -16.38 -5.05 18.10
C GLN A 246 -16.19 -3.57 18.42
N LEU A 247 -16.28 -2.70 17.42
CA LEU A 247 -16.29 -1.25 17.58
C LEU A 247 -17.39 -0.68 16.68
N SER A 248 -18.62 -1.09 16.98
CA SER A 248 -19.72 -0.88 16.04
C SER A 248 -19.91 0.59 15.68
N ASP A 249 -19.61 1.52 16.58
CA ASP A 249 -19.75 2.93 16.27
C ASP A 249 -18.44 3.58 15.82
N GLY A 250 -17.33 2.86 15.87
CA GLY A 250 -16.05 3.44 15.54
C GLY A 250 -15.20 3.65 16.78
N LEU A 251 -14.13 4.44 16.61
CA LEU A 251 -13.17 4.71 17.67
C LEU A 251 -13.27 6.17 18.07
N VAL A 252 -13.17 6.43 19.38
CA VAL A 252 -13.18 7.78 19.91
C VAL A 252 -11.73 8.26 19.93
N TYR A 253 -11.43 9.29 19.15
CA TYR A 253 -10.11 9.91 19.15
C TYR A 253 -10.16 11.02 20.19
N GLU A 254 -9.82 10.68 21.44
CA GLU A 254 -9.98 11.60 22.55
C GLU A 254 -9.25 12.91 22.30
N GLY A 255 -9.94 14.01 22.57
CA GLY A 255 -9.39 15.33 22.37
C GLY A 255 -9.38 15.83 20.93
N PHE A 256 -9.87 15.05 19.98
CA PHE A 256 -10.00 15.51 18.61
C PHE A 256 -11.45 15.55 18.16
N TRP A 257 -12.19 14.45 18.26
CA TRP A 257 -13.62 14.46 17.99
C TRP A 257 -14.39 14.01 19.21
N GLU A 258 -15.55 14.61 19.43
CA GLU A 258 -16.42 14.17 20.52
C GLU A 258 -16.98 12.79 20.26
N ASP A 259 -17.44 12.53 19.05
CA ASP A 259 -18.08 11.27 18.72
C ASP A 259 -17.10 10.27 18.10
N PRO A 260 -17.42 8.99 18.20
CA PRO A 260 -16.59 7.97 17.54
C PRO A 260 -16.65 8.10 16.04
N LYS A 261 -15.58 7.65 15.39
CA LYS A 261 -15.43 7.76 13.95
C LYS A 261 -15.00 6.43 13.35
N GLU A 262 -15.63 6.07 12.23
CA GLU A 262 -15.31 4.84 11.54
C GLU A 262 -14.25 5.07 10.46
N PHE A 263 -13.21 4.23 10.46
CA PHE A 263 -12.20 4.12 9.43
C PHE A 263 -11.88 2.65 9.19
N ALA A 264 -11.66 2.32 7.92
CA ALA A 264 -11.50 0.95 7.48
C ALA A 264 -10.07 0.47 7.71
N GLY A 265 -9.95 -0.83 7.93
CA GLY A 265 -8.65 -1.43 8.11
C GLY A 265 -7.98 -1.64 6.76
N GLY A 266 -6.83 -2.31 6.80
CA GLY A 266 -6.06 -2.50 5.58
C GLY A 266 -6.80 -3.34 4.55
N SER A 267 -6.53 -3.06 3.29
CA SER A 267 -7.11 -3.73 2.14
C SER A 267 -6.06 -3.76 1.03
N ALA A 268 -5.97 -4.86 0.29
CA ALA A 268 -5.05 -4.85 -0.85
C ALA A 268 -5.46 -3.81 -1.87
N GLY A 269 -6.71 -3.32 -1.80
CA GLY A 269 -7.17 -2.23 -2.63
C GLY A 269 -6.43 -0.92 -2.43
N GLN A 270 -5.62 -0.81 -1.39
CA GLN A 270 -4.88 0.42 -1.15
C GLN A 270 -3.58 0.52 -1.96
N SER A 271 -3.05 -0.59 -2.48
CA SER A 271 -1.92 -0.45 -3.39
C SER A 271 -2.42 0.20 -4.70
N SER A 272 -1.62 1.14 -5.20
CA SER A 272 -1.96 1.90 -6.39
C SER A 272 -1.58 1.19 -7.69
N VAL A 273 -0.91 0.04 -7.60
CA VAL A 273 -0.37 -0.61 -8.78
C VAL A 273 -1.50 -1.08 -9.69
N PHE A 274 -2.50 -1.77 -9.12
CA PHE A 274 -3.50 -2.41 -9.95
C PHE A 274 -4.26 -1.37 -10.77
N GLN A 275 -4.64 -0.24 -10.13
CA GLN A 275 -5.37 0.81 -10.84
C GLN A 275 -4.49 1.61 -11.78
N CYS A 276 -3.20 1.76 -11.45
CA CYS A 276 -2.27 2.41 -12.36
C CYS A 276 -2.35 1.74 -13.73
N PHE A 277 -2.10 0.43 -13.79
CA PHE A 277 -2.05 -0.27 -15.07
C PHE A 277 -3.41 -0.67 -15.60
N ASP A 278 -4.46 -0.76 -14.75
CA ASP A 278 -5.81 -0.83 -15.31
C ASP A 278 -6.15 0.41 -16.11
N VAL A 279 -5.88 1.58 -15.54
CA VAL A 279 -6.16 2.83 -16.25
C VAL A 279 -5.35 2.91 -17.55
N LEU A 280 -4.03 2.72 -17.44
CA LEU A 280 -3.14 2.79 -18.61
C LEU A 280 -3.63 1.90 -19.75
N LEU A 281 -4.04 0.69 -19.44
CA LEU A 281 -4.45 -0.23 -20.49
C LEU A 281 -5.95 -0.16 -20.81
N GLY A 282 -6.67 0.81 -20.26
CA GLY A 282 -8.09 0.88 -20.51
C GLY A 282 -8.89 -0.26 -19.95
N ILE A 283 -8.31 -1.01 -19.01
CA ILE A 283 -8.88 -2.27 -18.51
C ILE A 283 -9.86 -2.02 -17.39
N GLN A 284 -9.99 -0.77 -16.94
CA GLN A 284 -10.68 -0.51 -15.69
C GLN A 284 -12.14 -0.91 -15.80
N GLN A 285 -12.68 -1.50 -14.73
CA GLN A 285 -14.02 -2.03 -14.74
C GLN A 285 -14.27 -2.94 -13.55
N GLY A 290 -20.07 -2.98 -8.37
CA GLY A 290 -21.26 -2.26 -7.96
C GLY A 290 -20.94 -1.53 -6.67
N HIS A 291 -21.46 -2.06 -5.56
CA HIS A 291 -21.00 -1.68 -4.23
C HIS A 291 -19.51 -1.94 -4.06
N ALA A 292 -18.91 -2.73 -4.96
CA ALA A 292 -17.47 -2.89 -4.97
C ALA A 292 -16.78 -1.65 -5.55
N ALA A 293 -17.34 -1.06 -6.60
CA ALA A 293 -16.78 0.20 -7.11
C ALA A 293 -16.77 1.29 -6.04
N GLN A 294 -17.72 1.26 -5.09
CA GLN A 294 -17.69 2.21 -3.97
C GLN A 294 -16.54 1.90 -3.02
N PHE A 295 -16.38 0.63 -2.63
CA PHE A 295 -15.31 0.24 -1.72
C PHE A 295 -13.95 0.52 -2.35
N LEU A 296 -13.83 0.31 -3.66
CA LEU A 296 -12.55 0.56 -4.31
C LEU A 296 -12.24 2.04 -4.37
N GLN A 297 -13.22 2.86 -4.75
CA GLN A 297 -13.04 4.31 -4.67
C GLN A 297 -12.76 4.76 -3.25
N ASP A 298 -13.34 4.08 -2.26
CA ASP A 298 -13.00 4.43 -0.90
C ASP A 298 -11.55 4.12 -0.61
N MET A 299 -11.05 2.96 -1.06
CA MET A 299 -9.66 2.63 -0.76
C MET A 299 -8.73 3.63 -1.41
N ARG A 300 -9.17 4.24 -2.52
CA ARG A 300 -8.36 5.29 -3.14
C ARG A 300 -8.13 6.45 -2.17
N ARG A 301 -9.15 6.76 -1.34
CA ARG A 301 -8.94 7.85 -0.38
C ARG A 301 -8.03 7.43 0.74
N TYR A 302 -7.61 6.19 0.79
CA TYR A 302 -6.61 5.73 1.74
C TYR A 302 -5.22 5.71 1.13
N MET A 303 -5.07 6.06 -0.16
CA MET A 303 -3.74 6.22 -0.75
C MET A 303 -3.26 7.65 -0.55
N PRO A 304 -1.96 7.86 -0.54
CA PRO A 304 -1.43 9.25 -0.47
C PRO A 304 -2.10 10.10 -1.54
N PRO A 305 -2.44 11.34 -1.21
CA PRO A 305 -3.20 12.15 -2.18
C PRO A 305 -2.45 12.39 -3.49
N ALA A 306 -1.12 12.53 -3.46
CA ALA A 306 -0.43 12.74 -4.71
C ALA A 306 -0.58 11.51 -5.61
N HIS A 307 -0.60 10.30 -5.01
CA HIS A 307 -0.76 9.11 -5.83
C HIS A 307 -2.16 9.05 -6.43
N ARG A 308 -3.16 9.48 -5.65
CA ARG A 308 -4.49 9.66 -6.19
C ARG A 308 -4.50 10.61 -7.39
N ASN A 309 -3.76 11.70 -7.31
CA ASN A 309 -3.79 12.66 -8.41
C ASN A 309 -3.08 12.11 -9.64
N PHE A 310 -2.04 11.28 -9.42
CA PHE A 310 -1.47 10.54 -10.55
C PHE A 310 -2.52 9.67 -11.21
N LEU A 311 -3.18 8.82 -10.43
CA LEU A 311 -4.19 7.93 -11.01
C LEU A 311 -5.22 8.72 -11.81
N CYS A 312 -5.64 9.88 -11.28
CA CYS A 312 -6.68 10.67 -11.95
CA CYS A 312 -6.68 10.66 -11.95
C CYS A 312 -6.15 11.32 -13.23
N SER A 313 -4.96 11.90 -13.19
CA SER A 313 -4.40 12.47 -14.42
C SER A 313 -4.19 11.41 -15.50
N LEU A 314 -3.84 10.20 -15.10
CA LEU A 314 -3.66 9.10 -16.05
C LEU A 314 -4.92 8.86 -16.85
N GLU A 315 -6.07 8.82 -16.16
CA GLU A 315 -7.35 8.66 -16.83
C GLU A 315 -7.60 9.75 -17.85
N SER A 316 -7.04 10.94 -17.64
CA SER A 316 -7.26 12.07 -18.53
CA SER A 316 -7.26 12.07 -18.53
C SER A 316 -6.43 12.01 -19.81
N ASN A 317 -5.54 11.02 -19.93
CA ASN A 317 -4.67 10.90 -21.10
C ASN A 317 -5.36 10.11 -22.19
N PRO A 318 -4.80 10.15 -23.40
CA PRO A 318 -5.36 9.36 -24.50
C PRO A 318 -5.23 7.88 -24.19
N SER A 319 -6.11 7.10 -24.81
CA SER A 319 -6.19 5.67 -24.56
C SER A 319 -5.18 4.85 -25.38
N VAL A 320 -4.29 4.14 -24.68
CA VAL A 320 -3.43 3.17 -25.32
C VAL A 320 -4.25 2.14 -26.07
N ARG A 321 -5.34 1.68 -25.46
CA ARG A 321 -6.13 0.58 -26.02
C ARG A 321 -6.69 0.98 -27.38
N GLU A 322 -7.30 2.17 -27.45
CA GLU A 322 -7.85 2.63 -28.73
C GLU A 322 -6.75 2.82 -29.78
N PHE A 323 -5.63 3.42 -29.39
CA PHE A 323 -4.53 3.60 -30.33
C PHE A 323 -4.11 2.26 -30.94
N VAL A 324 -3.96 1.24 -30.09
CA VAL A 324 -3.27 0.01 -30.49
C VAL A 324 -4.10 -0.79 -31.47
N LEU A 325 -5.39 -0.92 -31.21
CA LEU A 325 -6.23 -1.81 -32.01
C LEU A 325 -6.57 -1.23 -33.37
N SER A 326 -6.30 0.06 -33.57
CA SER A 326 -6.60 0.75 -34.82
C SER A 326 -5.43 0.76 -35.79
N LYS A 327 -4.50 -0.18 -35.66
CA LYS A 327 -3.27 -0.12 -36.41
C LYS A 327 -3.01 -1.34 -37.30
N GLY A 328 -3.81 -2.40 -37.19
CA GLY A 328 -3.49 -3.61 -37.91
C GLY A 328 -2.03 -3.95 -37.71
N ASP A 329 -1.62 -3.95 -36.44
CA ASP A 329 -0.21 -4.10 -36.04
C ASP A 329 -0.17 -5.20 -34.99
N ALA A 330 0.26 -6.38 -35.43
CA ALA A 330 0.32 -7.53 -34.54
C ALA A 330 1.28 -7.28 -33.39
N GLY A 331 2.42 -6.65 -33.68
CA GLY A 331 3.41 -6.43 -32.65
C GLY A 331 2.88 -5.58 -31.52
N LEU A 332 2.18 -4.48 -31.86
CA LEU A 332 1.56 -3.65 -30.83
C LEU A 332 0.45 -4.40 -30.08
N ARG A 333 -0.36 -5.17 -30.81
CA ARG A 333 -1.42 -5.95 -30.15
C ARG A 333 -0.84 -6.95 -29.17
N GLU A 334 0.16 -7.72 -29.62
CA GLU A 334 0.82 -8.68 -28.75
C GLU A 334 1.48 -8.01 -27.55
N ALA A 335 2.11 -6.84 -27.77
CA ALA A 335 2.77 -6.18 -26.65
C ALA A 335 1.75 -5.67 -25.64
N TYR A 336 0.68 -5.05 -26.11
CA TYR A 336 -0.43 -4.71 -25.24
C TYR A 336 -0.96 -5.94 -24.52
N ASP A 337 -1.24 -7.02 -25.27
CA ASP A 337 -1.76 -8.25 -24.67
C ASP A 337 -0.82 -8.80 -23.62
N ALA A 338 0.50 -8.61 -23.79
CA ALA A 338 1.45 -9.09 -22.79
C ALA A 338 1.27 -8.34 -21.48
N CYS A 339 0.99 -7.04 -21.56
CA CYS A 339 0.77 -6.25 -20.35
C CYS A 339 -0.51 -6.71 -19.65
N VAL A 340 -1.58 -6.86 -20.43
CA VAL A 340 -2.84 -7.32 -19.88
C VAL A 340 -2.65 -8.66 -19.20
N LYS A 341 -1.90 -9.58 -19.85
CA LYS A 341 -1.71 -10.90 -19.29
C LYS A 341 -0.94 -10.83 -17.98
N ALA A 342 0.07 -9.96 -17.91
CA ALA A 342 0.79 -9.83 -16.68
C ALA A 342 -0.16 -9.38 -15.56
N LEU A 343 -1.09 -8.49 -15.88
CA LEU A 343 -2.00 -7.96 -14.86
C LEU A 343 -2.96 -9.05 -14.41
N VAL A 344 -3.43 -9.84 -15.36
CA VAL A 344 -4.31 -10.95 -15.03
C VAL A 344 -3.58 -11.95 -14.13
N SER A 345 -2.30 -12.24 -14.41
CA SER A 345 -1.57 -13.21 -13.58
C SER A 345 -1.36 -12.69 -12.16
N LEU A 346 -1.14 -11.39 -12.01
CA LEU A 346 -1.02 -10.78 -10.70
C LEU A 346 -2.32 -10.84 -9.93
N ARG A 347 -3.44 -10.60 -10.61
CA ARG A 347 -4.72 -10.74 -9.93
C ARG A 347 -4.95 -12.18 -9.53
N SER A 348 -4.69 -13.11 -10.44
CA SER A 348 -4.85 -14.53 -10.12
CA SER A 348 -4.86 -14.52 -10.12
C SER A 348 -4.07 -14.90 -8.87
N TYR A 349 -2.83 -14.40 -8.77
CA TYR A 349 -1.99 -14.75 -7.63
C TYR A 349 -2.54 -14.12 -6.37
N HIS A 350 -3.05 -12.89 -6.48
N HIS A 350 -3.06 -12.90 -6.48
CA HIS A 350 -3.71 -12.24 -5.36
CA HIS A 350 -3.70 -12.25 -5.35
C HIS A 350 -4.85 -13.09 -4.82
C HIS A 350 -4.86 -13.10 -4.81
N LEU A 351 -5.68 -13.65 -5.72
CA LEU A 351 -6.76 -14.52 -5.30
C LEU A 351 -6.26 -15.79 -4.61
N GLN A 352 -5.14 -16.35 -5.11
CA GLN A 352 -4.57 -17.52 -4.46
C GLN A 352 -4.09 -17.20 -3.07
N ILE A 353 -3.48 -16.02 -2.89
CA ILE A 353 -3.02 -15.66 -1.57
C ILE A 353 -4.18 -15.42 -0.63
N VAL A 354 -5.23 -14.74 -1.10
CA VAL A 354 -6.40 -14.51 -0.26
C VAL A 354 -6.99 -15.85 0.15
N THR A 355 -6.99 -16.80 -0.77
CA THR A 355 -7.58 -18.10 -0.46
C THR A 355 -6.74 -18.87 0.55
N LYS A 356 -5.41 -18.87 0.39
CA LYS A 356 -4.56 -19.65 1.27
C LYS A 356 -4.31 -18.96 2.61
N TYR A 357 -4.31 -17.64 2.64
CA TYR A 357 -3.93 -16.93 3.87
C TYR A 357 -5.12 -16.35 4.61
N ILE A 358 -6.29 -16.32 3.98
CA ILE A 358 -7.46 -15.79 4.67
C ILE A 358 -8.62 -16.77 4.65
N LEU A 359 -9.03 -17.23 3.45
CA LEU A 359 -10.29 -17.96 3.35
C LEU A 359 -10.19 -19.35 3.97
N ILE A 360 -9.07 -20.02 3.80
CA ILE A 360 -8.92 -21.38 4.32
C ILE A 360 -8.79 -21.33 5.84
N PRO A 361 -7.81 -20.60 6.38
CA PRO A 361 -7.64 -20.57 7.84
C PRO A 361 -8.91 -20.13 8.55
N ALA A 362 -9.69 -19.23 7.93
CA ALA A 362 -11.00 -18.88 8.48
C ALA A 362 -11.92 -20.09 8.53
N SER A 363 -11.99 -20.84 7.43
CA SER A 363 -12.82 -22.03 7.38
C SER A 363 -12.45 -23.04 8.47
N GLN A 364 -11.23 -22.98 8.98
CA GLN A 364 -10.73 -23.95 9.93
C GLN A 364 -10.93 -23.55 11.38
N GLN A 365 -11.30 -22.30 11.64
CA GLN A 365 -11.60 -21.91 13.02
C GLN A 365 -13.10 -21.95 13.31
N ASP A 387 -18.37 -14.03 -2.05
CA ASP A 387 -18.59 -12.60 -1.90
C ASP A 387 -17.29 -11.85 -2.12
N LEU A 388 -16.24 -12.28 -1.41
CA LEU A 388 -14.88 -11.82 -1.69
C LEU A 388 -14.33 -12.50 -2.95
N MET A 389 -14.35 -13.83 -2.97
CA MET A 389 -13.95 -14.58 -4.15
C MET A 389 -14.68 -14.07 -5.40
N ASN A 390 -15.97 -13.72 -5.25
CA ASN A 390 -16.78 -13.34 -6.41
C ASN A 390 -16.35 -11.99 -6.98
N PHE A 391 -16.13 -11.01 -6.11
CA PHE A 391 -15.66 -9.71 -6.59
C PHE A 391 -14.34 -9.85 -7.34
N LEU A 392 -13.35 -10.46 -6.68
CA LEU A 392 -12.02 -10.57 -7.27
C LEU A 392 -12.03 -11.37 -8.57
N LYS A 393 -12.78 -12.49 -8.59
CA LYS A 393 -12.84 -13.28 -9.82
C LYS A 393 -13.50 -12.54 -10.96
N THR A 394 -14.43 -11.64 -10.63
CA THR A 394 -15.10 -10.84 -11.64
C THR A 394 -14.15 -9.79 -12.23
N VAL A 395 -13.31 -9.18 -11.40
CA VAL A 395 -12.37 -8.20 -11.93
C VAL A 395 -11.31 -8.89 -12.77
N ARG A 396 -10.87 -10.09 -12.34
CA ARG A 396 -9.91 -10.87 -13.13
C ARG A 396 -10.47 -11.21 -14.51
N SER A 397 -11.73 -11.65 -14.56
CA SER A 397 -12.33 -12.02 -15.85
C SER A 397 -12.54 -10.78 -16.71
N THR A 398 -12.89 -9.66 -16.09
CA THR A 398 -12.96 -8.38 -16.82
C THR A 398 -11.62 -8.06 -17.47
N THR A 399 -10.53 -8.22 -16.72
CA THR A 399 -9.20 -8.01 -17.26
C THR A 399 -8.91 -8.97 -18.41
N GLU A 400 -9.29 -10.24 -18.25
CA GLU A 400 -9.01 -11.25 -19.26
C GLU A 400 -9.84 -10.98 -20.51
N LYS A 401 -11.02 -10.37 -20.36
CA LYS A 401 -11.85 -10.01 -21.51
C LYS A 401 -11.38 -8.73 -22.20
N SER A 402 -10.42 -8.02 -21.60
CA SER A 402 -9.81 -6.86 -22.22
C SER A 402 -8.73 -7.23 -23.24
N LEU A 403 -8.20 -8.44 -23.17
CA LEU A 403 -7.31 -8.88 -24.23
C LEU A 403 -7.91 -8.57 -25.61
N LEU A 404 -7.07 -8.10 -26.51
CA LEU A 404 -7.53 -7.74 -27.84
C LEU A 404 -7.29 -8.94 -28.73
#